data_10MH
#
_entry.id   10MH
#
_cell.length_a   99.860
_cell.length_b   99.860
_cell.length_c   325.200
_cell.angle_alpha   90.00
_cell.angle_beta   90.00
_cell.angle_gamma   120.00
#
_symmetry.space_group_name_H-M   'H 3 2'
#
loop_
_entity.id
_entity.type
_entity.pdbx_description
1 polymer "DNA (5'-D(P*CP*CP*AP*TP*GP*(5CM)P*GP*CP*TP*GP*AP*C)-3')"
2 polymer "DNA (5'-D(P*GP*TP*CP*AP*GP*5NCP*GP*CP*AP*TP*GP*G)-3')"
3 polymer 'PROTEIN (CYTOSINE-SPECIFIC METHYLTRANSFERASE HHAI)'
4 non-polymer S-ADENOSYL-L-HOMOCYSTEINE
5 water water
#
loop_
_entity_poly.entity_id
_entity_poly.type
_entity_poly.pdbx_seq_one_letter_code
_entity_poly.pdbx_strand_id
1 'polydeoxyribonucleotide' (DC)(DC)(DA)(DT)(DG)(5CM)(DG)(DC)(DT)(DG)(DA)(DC) B
2 'polydeoxyribonucleotide' (DG)(DT)(DC)(DA)(DG)(5NC)(DG)(DC)(DA)(DT)(DG)(DG) C
3 'polypeptide(L)'
;MIEIKDKQLTGLRFIDLFAGLGGFRLALESCGAECVYSNEWDKYAQEVYEMNFGEKPEGDITQVNEKTIPDHDILCAGFP
CQAFSISGKQKGFEDSRGTLFFDIARIVREKKPKVVFMENVKNFASHDNGNTLEVVKNTMNELDYSFHAKVLNALDYGIP
QKRERIYMICFRNDLNIQNFQFPKPFELNTFVKDLLLPDSEVEHLVIDRKDLVMTNQEIEQTTPKTVRLGIVGKGGQGER
IYSTRGIAITLSAYGGGIFAKTGGYLVNGKTRKLHPRECARVMGYPDSYKVHPSTSQAYKQFGNSVVINVLQYIAYNIGS
SLNFKPY
;
A
#
loop_
_chem_comp.id
_chem_comp.type
_chem_comp.name
_chem_comp.formula
5CM DNA linking 5-METHYL-2'-DEOXY-CYTIDINE-5'-MONOPHOSPHATE 'C10 H16 N3 O7 P'
5NC DNA linking 5-AZA-CYTIDINE-5'MONOPHOSPHATE 'C8 H13 N4 O7 P'
DA DNA linking 2'-DEOXYADENOSINE-5'-MONOPHOSPHATE 'C10 H14 N5 O6 P'
DC DNA linking 2'-DEOXYCYTIDINE-5'-MONOPHOSPHATE 'C9 H14 N3 O7 P'
DG DNA linking 2'-DEOXYGUANOSINE-5'-MONOPHOSPHATE 'C10 H14 N5 O7 P'
DT DNA linking THYMIDINE-5'-MONOPHOSPHATE 'C10 H15 N2 O8 P'
#
# COMPACT_ATOMS: atom_id res chain seq x y z
N1 5CM A 6 -17.43 17.36 3.13
C2 5CM A 6 -17.13 16.12 2.59
N3 5CM A 6 -15.83 15.78 2.39
C4 5CM A 6 -14.83 16.61 2.71
C5 5CM A 6 -15.17 17.88 3.29
C5A 5CM A 6 -14.13 18.87 3.65
C6 5CM A 6 -16.42 18.22 3.49
O2 5CM A 6 -17.97 15.26 2.36
N4 5CM A 6 -13.52 16.29 2.44
C1' 5CM A 6 -18.85 17.89 3.29
C2' 5CM A 6 -19.93 17.15 4.06
C3' 5CM A 6 -20.70 18.35 4.68
C4' 5CM A 6 -20.01 19.45 3.84
O4' 5CM A 6 -18.73 19.00 4.16
O3' 5CM A 6 -22.09 18.14 4.32
C5' 5CM A 6 -20.10 21.02 4.14
O5' 5CM A 6 -19.06 21.79 4.88
P 5CM A 6 -18.94 23.33 4.32
OP1 5CM A 6 -20.28 24.00 4.51
OP2 5CM A 6 -17.71 23.93 4.85
P 5NC B 6 -8.38 4.26 5.32
OP1 5NC B 6 -9.32 3.25 4.97
OP2 5NC B 6 -7.25 3.90 6.19
O5' 5NC B 6 -7.72 4.71 4.00
C5' 5NC B 6 -8.42 4.57 2.73
C4' 5NC B 6 -7.58 4.72 1.49
O4' 5NC B 6 -6.89 3.52 1.23
C3' 5NC B 6 -8.44 4.88 0.31
O3' 5NC B 6 -8.75 6.29 -0.03
C2' 5NC B 6 -7.50 4.35 -0.81
C1' 5NC B 6 -6.48 3.37 -0.08
N1 5NC B 6 -6.46 1.85 -0.41
C2 5NC B 6 -5.36 1.03 -0.05
O2 5NC B 6 -4.50 1.60 0.65
N3 5NC B 6 -5.25 -0.30 -0.44
C4 5NC B 6 -6.27 -0.95 -1.13
N4 5NC B 6 -6.20 -2.27 -1.38
N5 5NC B 6 -7.35 -0.30 -1.56
C6 5NC B 6 -7.51 1.16 -1.17
N MET C 1 12.73 2.63 0.00
CA MET C 1 12.91 1.16 0.18
C MET C 1 14.28 0.83 0.77
N ILE C 2 14.45 -0.41 1.17
CA ILE C 2 15.66 -0.94 1.78
C ILE C 2 16.37 -1.88 0.80
N GLU C 3 17.69 -2.01 0.94
CA GLU C 3 18.44 -2.89 0.05
C GLU C 3 18.55 -4.28 0.66
N ILE C 4 18.25 -5.30 -0.12
CA ILE C 4 18.31 -6.65 0.39
C ILE C 4 19.57 -7.37 -0.10
N LYS C 5 20.36 -7.91 0.83
CA LYS C 5 21.59 -8.62 0.45
C LYS C 5 21.35 -10.11 0.16
N ASP C 6 20.53 -10.73 1.02
CA ASP C 6 20.20 -12.14 0.90
C ASP C 6 19.00 -12.31 -0.04
N LYS C 7 19.24 -12.43 -1.33
CA LYS C 7 18.12 -12.57 -2.23
C LYS C 7 17.49 -13.96 -2.11
N GLN C 8 16.66 -14.12 -1.08
CA GLN C 8 15.97 -15.38 -0.76
C GLN C 8 14.99 -15.94 -1.78
N LEU C 9 14.50 -15.13 -2.73
CA LEU C 9 13.52 -15.67 -3.65
C LEU C 9 14.02 -15.89 -5.06
N THR C 10 15.33 -15.84 -5.26
CA THR C 10 15.89 -16.06 -6.59
C THR C 10 15.25 -17.28 -7.27
N GLY C 11 14.90 -17.12 -8.54
CA GLY C 11 14.32 -18.21 -9.28
C GLY C 11 12.81 -18.42 -9.18
N LEU C 12 12.15 -17.89 -8.16
CA LEU C 12 10.69 -18.05 -8.06
C LEU C 12 9.99 -17.07 -9.04
N ARG C 13 8.71 -17.32 -9.33
CA ARG C 13 7.92 -16.49 -10.26
C ARG C 13 6.60 -16.00 -9.67
N PHE C 14 6.14 -14.81 -10.07
CA PHE C 14 4.88 -14.25 -9.56
C PHE C 14 4.08 -13.46 -10.57
N ILE C 15 2.83 -13.13 -10.25
CA ILE C 15 2.01 -12.27 -11.11
C ILE C 15 1.52 -11.03 -10.31
N ASP C 16 1.43 -9.89 -10.98
CA ASP C 16 1.05 -8.61 -10.38
C ASP C 16 -0.38 -8.26 -10.80
N LEU C 17 -1.37 -8.62 -9.98
CA LEU C 17 -2.79 -8.35 -10.27
C LEU C 17 -3.23 -7.04 -9.57
N PHE C 18 -4.06 -6.24 -10.25
CA PHE C 18 -4.51 -4.93 -9.76
C PHE C 18 -3.18 -4.17 -9.51
N ALA C 19 -2.39 -4.03 -10.56
CA ALA C 19 -1.06 -3.43 -10.47
C ALA C 19 -0.89 -2.02 -9.94
N GLY C 20 -1.64 -1.06 -10.47
CA GLY C 20 -1.49 0.31 -10.01
C GLY C 20 -0.09 0.75 -10.37
N LEU C 21 0.71 1.18 -9.39
CA LEU C 21 2.09 1.64 -9.62
C LEU C 21 3.18 0.53 -9.69
N GLY C 22 2.86 -0.68 -9.23
CA GLY C 22 3.83 -1.76 -9.23
C GLY C 22 4.56 -1.89 -7.88
N GLY C 23 3.94 -1.47 -6.79
CA GLY C 23 4.57 -1.55 -5.50
C GLY C 23 4.87 -2.98 -5.08
N PHE C 24 3.96 -3.91 -5.37
CA PHE C 24 4.16 -5.31 -5.06
C PHE C 24 5.31 -5.87 -5.90
N ARG C 25 5.60 -5.26 -7.05
CA ARG C 25 6.69 -5.72 -7.94
C ARG C 25 8.08 -5.18 -7.56
N LEU C 26 8.19 -3.94 -7.09
CA LEU C 26 9.47 -3.40 -6.68
C LEU C 26 9.91 -4.22 -5.46
N ALA C 27 8.99 -4.43 -4.52
CA ALA C 27 9.26 -5.19 -3.31
C ALA C 27 9.71 -6.63 -3.57
N LEU C 28 8.98 -7.37 -4.41
CA LEU C 28 9.32 -8.76 -4.70
C LEU C 28 10.60 -9.00 -5.53
N GLU C 29 10.98 -8.05 -6.39
CA GLU C 29 12.22 -8.13 -7.21
C GLU C 29 13.47 -7.82 -6.39
N SER C 30 13.36 -6.93 -5.40
CA SER C 30 14.51 -6.62 -4.56
C SER C 30 15.01 -7.90 -3.85
N CYS C 31 14.17 -8.95 -3.82
CA CYS C 31 14.53 -10.22 -3.21
C CYS C 31 14.95 -11.33 -4.24
N GLY C 32 14.88 -11.01 -5.54
CA GLY C 32 15.29 -11.94 -6.60
C GLY C 32 14.27 -12.61 -7.50
N ALA C 33 12.98 -12.44 -7.23
CA ALA C 33 11.92 -13.06 -8.01
C ALA C 33 11.68 -12.42 -9.40
N GLU C 34 11.02 -13.15 -10.30
CA GLU C 34 10.75 -12.67 -11.67
C GLU C 34 9.25 -12.50 -11.92
N CYS C 35 8.86 -11.39 -12.55
CA CYS C 35 7.46 -11.12 -12.85
C CYS C 35 7.10 -11.61 -14.23
N VAL C 36 6.06 -12.44 -14.35
CA VAL C 36 5.65 -12.97 -15.67
C VAL C 36 4.22 -12.65 -16.15
N TYR C 37 3.57 -11.67 -15.54
CA TYR C 37 2.20 -11.26 -15.89
C TYR C 37 1.71 -10.14 -14.99
N SER C 38 1.13 -9.10 -15.58
CA SER C 38 0.56 -8.01 -14.81
C SER C 38 -0.82 -7.66 -15.40
N ASN C 39 -1.69 -7.16 -14.55
CA ASN C 39 -3.04 -6.81 -14.95
C ASN C 39 -3.46 -5.56 -14.19
N GLU C 40 -4.05 -4.61 -14.92
CA GLU C 40 -4.53 -3.33 -14.39
C GLU C 40 -5.33 -2.65 -15.51
N TRP C 41 -6.50 -2.10 -15.19
CA TRP C 41 -7.34 -1.52 -16.25
C TRP C 41 -7.39 0.00 -16.46
N ASP C 42 -6.76 0.77 -15.56
CA ASP C 42 -6.77 2.23 -15.65
C ASP C 42 -5.73 2.75 -16.64
N LYS C 43 -6.19 3.53 -17.62
CA LYS C 43 -5.35 4.11 -18.66
C LYS C 43 -4.07 4.75 -18.16
N TYR C 44 -4.22 5.69 -17.22
CA TYR C 44 -3.11 6.43 -16.67
C TYR C 44 -2.07 5.65 -15.88
N ALA C 45 -2.52 4.63 -15.15
CA ALA C 45 -1.64 3.79 -14.35
C ALA C 45 -0.82 2.90 -15.30
N GLN C 46 -1.45 2.45 -16.38
CA GLN C 46 -0.78 1.64 -17.40
C GLN C 46 0.34 2.49 -18.03
N GLU C 47 0.14 3.81 -18.11
CA GLU C 47 1.16 4.69 -18.66
C GLU C 47 2.39 4.76 -17.76
N VAL C 48 2.23 4.84 -16.43
CA VAL C 48 3.39 4.90 -15.52
C VAL C 48 4.14 3.58 -15.40
N TYR C 49 3.39 2.49 -15.33
CA TYR C 49 3.93 1.15 -15.21
C TYR C 49 4.86 0.88 -16.38
N GLU C 50 4.38 1.18 -17.60
CA GLU C 50 5.14 0.98 -18.84
C GLU C 50 6.38 1.86 -18.89
N MET C 51 6.24 3.06 -18.35
CA MET C 51 7.33 4.03 -18.32
C MET C 51 8.48 3.62 -17.38
N ASN C 52 8.17 2.99 -16.25
CA ASN C 52 9.19 2.52 -15.28
C ASN C 52 9.65 1.09 -15.53
N PHE C 53 8.72 0.25 -16.02
CA PHE C 53 8.96 -1.17 -16.28
C PHE C 53 9.09 -1.59 -17.75
N GLY C 54 8.49 -0.82 -18.66
CA GLY C 54 8.60 -1.15 -20.07
C GLY C 54 7.70 -2.22 -20.65
N GLU C 55 6.57 -2.50 -20.01
CA GLU C 55 5.61 -3.50 -20.49
C GLU C 55 4.23 -2.98 -20.09
N LYS C 56 3.21 -3.30 -20.88
CA LYS C 56 1.86 -2.82 -20.62
C LYS C 56 0.98 -3.96 -20.08
N PRO C 57 0.34 -3.74 -18.93
CA PRO C 57 -0.54 -4.74 -18.31
C PRO C 57 -1.85 -4.99 -19.07
N GLU C 58 -2.40 -6.19 -18.95
CA GLU C 58 -3.66 -6.50 -19.60
C GLU C 58 -4.73 -5.68 -18.90
N GLY C 59 -5.97 -5.82 -19.35
CA GLY C 59 -7.04 -5.07 -18.76
C GLY C 59 -8.09 -5.93 -18.14
N ASP C 60 -9.15 -5.29 -17.67
CA ASP C 60 -10.27 -5.96 -17.02
C ASP C 60 -10.09 -7.43 -16.64
N ILE C 61 -9.98 -7.70 -15.34
CA ILE C 61 -9.79 -9.05 -14.90
C ILE C 61 -11.02 -9.92 -15.02
N THR C 62 -12.20 -9.31 -15.04
CA THR C 62 -13.46 -10.08 -15.11
C THR C 62 -13.77 -10.82 -16.44
N GLN C 63 -13.10 -10.44 -17.53
CA GLN C 63 -13.34 -11.09 -18.82
C GLN C 63 -12.09 -11.76 -19.41
N VAL C 64 -11.21 -12.21 -18.53
CA VAL C 64 -9.97 -12.88 -18.89
C VAL C 64 -10.16 -14.35 -18.55
N ASN C 65 -9.84 -15.23 -19.48
CA ASN C 65 -10.02 -16.64 -19.21
C ASN C 65 -8.91 -17.08 -18.28
N GLU C 66 -9.26 -17.56 -17.10
CA GLU C 66 -8.23 -17.98 -16.15
C GLU C 66 -7.25 -19.01 -16.71
N LYS C 67 -7.58 -19.64 -17.83
CA LYS C 67 -6.70 -20.65 -18.39
C LYS C 67 -5.62 -20.11 -19.30
N THR C 68 -5.59 -18.80 -19.49
CA THR C 68 -4.58 -18.20 -20.35
C THR C 68 -3.36 -17.78 -19.53
N ILE C 69 -3.59 -17.56 -18.23
CA ILE C 69 -2.58 -17.09 -17.28
C ILE C 69 -1.40 -18.04 -17.09
N PRO C 70 -0.17 -17.51 -17.22
CA PRO C 70 1.09 -18.24 -17.08
C PRO C 70 1.23 -18.94 -15.74
N ASP C 71 1.98 -20.05 -15.73
CA ASP C 71 2.23 -20.78 -14.51
C ASP C 71 2.95 -19.76 -13.62
N HIS C 72 2.78 -19.85 -12.31
CA HIS C 72 3.45 -18.92 -11.38
C HIS C 72 3.47 -19.52 -9.98
N ASP C 73 4.44 -19.11 -9.15
CA ASP C 73 4.55 -19.62 -7.77
C ASP C 73 3.85 -18.76 -6.73
N ILE C 74 3.85 -17.46 -6.95
CA ILE C 74 3.25 -16.53 -6.00
C ILE C 74 2.29 -15.59 -6.69
N LEU C 75 1.09 -15.46 -6.16
CA LEU C 75 0.08 -14.56 -6.73
C LEU C 75 0.00 -13.36 -5.78
N CYS C 76 0.10 -12.15 -6.32
CA CYS C 76 0.05 -10.92 -5.48
C CYS C 76 -1.19 -10.08 -5.79
N ALA C 77 -1.83 -9.50 -4.76
CA ALA C 77 -3.04 -8.68 -4.97
C ALA C 77 -3.45 -7.69 -3.87
N GLY C 78 -3.54 -6.41 -4.22
CA GLY C 78 -4.03 -5.40 -3.28
C GLY C 78 -5.40 -5.03 -3.86
N PHE C 79 -6.48 -5.70 -3.48
CA PHE C 79 -7.77 -5.35 -4.09
C PHE C 79 -8.46 -4.07 -3.64
N PRO C 80 -9.39 -3.57 -4.47
CA PRO C 80 -10.14 -2.31 -4.17
C PRO C 80 -10.77 -2.30 -2.77
N CYS C 81 -10.56 -1.19 -2.06
CA CYS C 81 -11.06 -1.07 -0.70
C CYS C 81 -12.35 -0.31 -0.52
N GLN C 82 -12.75 0.48 -1.52
CA GLN C 82 -13.95 1.31 -1.38
C GLN C 82 -15.14 0.63 -0.75
N ALA C 83 -15.37 -0.63 -1.10
CA ALA C 83 -16.52 -1.32 -0.50
C ALA C 83 -16.21 -1.93 0.88
N PHE C 84 -15.18 -1.43 1.55
CA PHE C 84 -14.77 -1.92 2.89
C PHE C 84 -14.26 -0.82 3.80
N SER C 85 -13.72 0.27 3.22
CA SER C 85 -13.17 1.41 3.97
C SER C 85 -14.08 2.01 5.04
N ILE C 86 -13.45 2.65 6.03
CA ILE C 86 -14.13 3.29 7.14
C ILE C 86 -14.53 4.74 6.74
N SER C 87 -14.13 5.13 5.52
CA SER C 87 -14.43 6.45 4.97
C SER C 87 -15.72 6.46 4.07
N GLY C 88 -16.14 5.27 3.61
CA GLY C 88 -17.31 5.18 2.76
C GLY C 88 -18.65 4.73 3.38
N LYS C 89 -19.47 4.11 2.53
CA LYS C 89 -20.81 3.60 2.91
C LYS C 89 -20.91 2.15 3.41
N GLN C 90 -19.79 1.43 3.36
CA GLN C 90 -19.71 0.05 3.85
C GLN C 90 -20.72 -0.98 3.26
N LYS C 91 -20.74 -1.13 1.94
CA LYS C 91 -21.66 -2.09 1.32
C LYS C 91 -21.13 -3.51 1.11
N GLY C 92 -19.82 -3.70 1.19
CA GLY C 92 -19.23 -5.02 1.04
C GLY C 92 -19.53 -5.85 -0.20
N PHE C 93 -19.82 -7.14 0.02
CA PHE C 93 -20.11 -8.08 -1.08
C PHE C 93 -21.27 -7.73 -1.98
N GLU C 94 -22.14 -6.85 -1.50
CA GLU C 94 -23.30 -6.40 -2.26
C GLU C 94 -22.90 -5.32 -3.28
N ASP C 95 -21.72 -4.74 -3.09
CA ASP C 95 -21.21 -3.69 -3.96
C ASP C 95 -20.50 -4.23 -5.22
N SER C 96 -20.86 -3.65 -6.37
CA SER C 96 -20.28 -4.04 -7.68
C SER C 96 -18.74 -4.02 -7.73
N ARG C 97 -18.13 -3.36 -6.76
CA ARG C 97 -16.68 -3.25 -6.66
C ARG C 97 -16.14 -4.14 -5.53
N GLY C 98 -17.04 -4.60 -4.68
CA GLY C 98 -16.65 -5.43 -3.56
C GLY C 98 -16.70 -6.91 -3.80
N THR C 99 -16.71 -7.33 -5.06
CA THR C 99 -16.75 -8.76 -5.35
C THR C 99 -15.49 -9.24 -6.05
N LEU C 100 -14.55 -8.35 -6.34
CA LEU C 100 -13.36 -8.80 -7.07
C LEU C 100 -12.67 -10.03 -6.47
N PHE C 101 -12.79 -10.22 -5.16
CA PHE C 101 -12.22 -11.37 -4.46
C PHE C 101 -12.49 -12.73 -5.10
N PHE C 102 -13.72 -12.98 -5.52
CA PHE C 102 -14.08 -14.26 -6.16
C PHE C 102 -13.42 -14.50 -7.55
N ASP C 103 -12.78 -13.47 -8.10
CA ASP C 103 -12.08 -13.62 -9.37
C ASP C 103 -10.69 -14.18 -9.09
N ILE C 104 -10.15 -13.86 -7.90
CA ILE C 104 -8.84 -14.35 -7.44
C ILE C 104 -9.01 -15.84 -7.12
N ALA C 105 -10.13 -16.14 -6.48
CA ALA C 105 -10.53 -17.49 -6.11
C ALA C 105 -10.64 -18.38 -7.35
N ARG C 106 -11.07 -17.79 -8.47
CA ARG C 106 -11.22 -18.50 -9.75
C ARG C 106 -9.82 -18.83 -10.25
N ILE C 107 -8.97 -17.82 -10.30
CA ILE C 107 -7.61 -18.02 -10.76
C ILE C 107 -6.85 -19.03 -9.92
N VAL C 108 -7.03 -18.97 -8.60
CA VAL C 108 -6.35 -19.91 -7.68
C VAL C 108 -6.76 -21.40 -7.82
N ARG C 109 -8.04 -21.64 -8.06
CA ARG C 109 -8.55 -22.98 -8.20
C ARG C 109 -7.94 -23.69 -9.42
N GLU C 110 -7.66 -22.94 -10.49
CA GLU C 110 -7.09 -23.47 -11.74
C GLU C 110 -5.56 -23.54 -11.79
N LYS C 111 -4.90 -22.49 -11.33
CA LYS C 111 -3.43 -22.44 -11.34
C LYS C 111 -2.68 -23.00 -10.11
N LYS C 112 -3.34 -23.03 -8.94
CA LYS C 112 -2.74 -23.53 -7.68
C LYS C 112 -1.27 -23.13 -7.37
N PRO C 113 -0.99 -21.82 -7.13
CA PRO C 113 0.37 -21.40 -6.83
C PRO C 113 0.82 -21.85 -5.45
N LYS C 114 2.10 -21.69 -5.16
CA LYS C 114 2.61 -22.09 -3.87
C LYS C 114 2.19 -21.10 -2.81
N VAL C 115 2.26 -19.81 -3.14
CA VAL C 115 1.89 -18.75 -2.17
C VAL C 115 0.89 -17.74 -2.71
N VAL C 116 0.02 -17.23 -1.82
CA VAL C 116 -0.99 -16.18 -2.12
C VAL C 116 -0.76 -15.04 -1.11
N PHE C 117 -0.49 -13.82 -1.62
CA PHE C 117 -0.14 -12.62 -0.84
C PHE C 117 -1.10 -11.46 -1.11
N MET C 118 -1.98 -11.15 -0.14
CA MET C 118 -2.99 -10.09 -0.32
C MET C 118 -2.94 -8.98 0.70
N GLU C 119 -3.37 -7.77 0.32
CA GLU C 119 -3.40 -6.59 1.23
C GLU C 119 -4.74 -5.82 1.15
N ASN C 120 -5.23 -5.27 2.27
CA ASN C 120 -6.46 -4.47 2.25
C ASN C 120 -6.45 -3.53 3.45
N VAL C 121 -7.46 -2.68 3.60
CA VAL C 121 -7.49 -1.69 4.70
C VAL C 121 -7.84 -2.23 6.08
N LYS C 122 -7.73 -1.39 7.10
CA LYS C 122 -7.98 -1.82 8.46
C LYS C 122 -9.41 -2.31 8.74
N ASN C 123 -10.40 -1.51 8.37
CA ASN C 123 -11.82 -1.84 8.61
C ASN C 123 -12.21 -3.22 8.08
N PHE C 124 -11.48 -3.72 7.09
CA PHE C 124 -11.78 -5.05 6.53
C PHE C 124 -11.71 -6.19 7.57
N ALA C 125 -10.92 -6.03 8.62
CA ALA C 125 -10.81 -7.06 9.65
C ALA C 125 -12.03 -7.12 10.59
N SER C 126 -12.79 -6.03 10.64
CA SER C 126 -13.96 -5.92 11.51
C SER C 126 -15.31 -5.84 10.80
N HIS C 127 -15.31 -5.34 9.59
CA HIS C 127 -16.53 -5.19 8.81
C HIS C 127 -17.52 -6.34 8.95
N ASP C 128 -18.80 -5.98 9.05
CA ASP C 128 -19.88 -6.95 9.13
C ASP C 128 -19.72 -7.84 10.35
N ASN C 129 -19.17 -7.26 11.40
CA ASN C 129 -18.93 -7.97 12.65
C ASN C 129 -17.99 -9.13 12.42
N GLY C 130 -17.02 -8.92 11.53
CA GLY C 130 -16.04 -9.95 11.22
C GLY C 130 -16.46 -11.09 10.31
N ASN C 131 -17.67 -11.04 9.75
CA ASN C 131 -18.10 -12.12 8.86
C ASN C 131 -17.35 -12.05 7.55
N THR C 132 -17.21 -10.84 7.02
CA THR C 132 -16.51 -10.62 5.76
C THR C 132 -15.12 -11.26 5.80
N LEU C 133 -14.41 -11.08 6.91
CA LEU C 133 -13.08 -11.67 7.04
C LEU C 133 -13.22 -13.20 7.04
N GLU C 134 -14.19 -13.74 7.78
CA GLU C 134 -14.39 -15.19 7.82
C GLU C 134 -14.81 -15.86 6.51
N VAL C 135 -15.40 -15.11 5.58
CA VAL C 135 -15.71 -15.72 4.29
C VAL C 135 -14.38 -15.97 3.55
N VAL C 136 -13.42 -15.06 3.69
CA VAL C 136 -12.12 -15.23 3.05
C VAL C 136 -11.32 -16.40 3.62
N LYS C 137 -11.23 -16.51 4.95
CA LYS C 137 -10.51 -17.62 5.62
C LYS C 137 -11.04 -19.00 5.25
N ASN C 138 -12.36 -19.17 5.32
CA ASN C 138 -13.03 -20.42 4.98
C ASN C 138 -12.90 -20.80 3.50
N THR C 139 -12.86 -19.83 2.57
CA THR C 139 -12.69 -20.12 1.13
C THR C 139 -11.28 -20.62 0.86
N MET C 140 -10.28 -19.89 1.36
CA MET C 140 -8.89 -20.29 1.16
C MET C 140 -8.65 -21.69 1.77
N ASN C 141 -9.31 -21.99 2.89
CA ASN C 141 -9.16 -23.29 3.50
C ASN C 141 -9.73 -24.39 2.58
N GLU C 142 -10.94 -24.17 2.07
CA GLU C 142 -11.57 -25.13 1.17
C GLU C 142 -10.68 -25.43 -0.04
N LEU C 143 -10.02 -24.39 -0.56
CA LEU C 143 -9.11 -24.54 -1.68
C LEU C 143 -7.79 -25.25 -1.30
N ASP C 144 -7.65 -25.62 -0.02
CA ASP C 144 -6.48 -26.33 0.52
C ASP C 144 -5.24 -25.45 0.80
N TYR C 145 -5.45 -24.33 1.50
CA TYR C 145 -4.42 -23.37 1.87
C TYR C 145 -4.60 -23.09 3.36
N SER C 146 -3.53 -22.67 4.03
CA SER C 146 -3.60 -22.31 5.43
C SER C 146 -3.87 -20.80 5.35
N PHE C 147 -4.14 -20.13 6.47
CA PHE C 147 -4.42 -18.70 6.39
C PHE C 147 -3.82 -17.87 7.54
N HIS C 148 -2.99 -16.86 7.20
CA HIS C 148 -2.32 -15.96 8.18
C HIS C 148 -2.69 -14.49 7.90
N ALA C 149 -3.21 -13.79 8.90
CA ALA C 149 -3.62 -12.40 8.70
C ALA C 149 -3.32 -11.51 9.90
N LYS C 150 -2.81 -10.32 9.64
CA LYS C 150 -2.45 -9.36 10.69
C LYS C 150 -2.49 -7.89 10.23
N VAL C 151 -2.68 -6.99 11.19
CA VAL C 151 -2.74 -5.56 10.93
C VAL C 151 -1.40 -5.00 11.36
N LEU C 152 -0.76 -4.28 10.45
CA LEU C 152 0.51 -3.67 10.72
C LEU C 152 0.45 -2.17 10.43
N ASN C 153 1.10 -1.40 11.29
CA ASN C 153 1.17 0.03 11.13
C ASN C 153 2.59 0.35 10.62
N ALA C 154 2.65 1.16 9.56
CA ALA C 154 3.90 1.53 8.93
C ALA C 154 4.89 2.27 9.84
N LEU C 155 4.39 3.01 10.82
CA LEU C 155 5.30 3.75 11.70
C LEU C 155 6.19 2.83 12.53
N ASP C 156 5.86 1.53 12.56
CA ASP C 156 6.62 0.52 13.31
C ASP C 156 7.72 -0.19 12.45
N TYR C 157 7.75 0.08 11.14
CA TYR C 157 8.75 -0.55 10.26
C TYR C 157 9.64 0.47 9.50
N GLY C 158 9.84 1.64 10.09
CA GLY C 158 10.72 2.61 9.49
C GLY C 158 10.26 3.78 8.66
N ILE C 159 8.98 3.83 8.28
CA ILE C 159 8.46 4.92 7.45
C ILE C 159 7.58 5.78 8.33
N PRO C 160 7.73 7.10 8.23
CA PRO C 160 6.88 7.95 9.08
C PRO C 160 5.50 8.29 8.55
N GLN C 161 4.63 7.30 8.45
CA GLN C 161 3.26 7.53 8.02
C GLN C 161 2.39 6.61 8.86
N LYS C 162 1.32 7.15 9.41
CA LYS C 162 0.39 6.37 10.23
C LYS C 162 -0.55 5.52 9.34
N ARG C 163 -0.05 4.50 8.64
CA ARG C 163 -0.88 3.68 7.73
C ARG C 163 -1.11 2.22 8.17
N GLU C 164 -2.31 1.94 8.70
CA GLU C 164 -2.72 0.61 9.20
C GLU C 164 -3.45 -0.22 8.14
N ARG C 165 -2.90 -1.38 7.80
CA ARG C 165 -3.51 -2.22 6.77
C ARG C 165 -3.46 -3.69 7.18
N ILE C 166 -4.36 -4.49 6.62
CA ILE C 166 -4.35 -5.90 6.92
C ILE C 166 -3.61 -6.66 5.83
N TYR C 167 -2.77 -7.61 6.24
CA TYR C 167 -1.97 -8.40 5.29
C TYR C 167 -2.29 -9.86 5.48
N MET C 168 -2.51 -10.56 4.36
CA MET C 168 -2.86 -11.96 4.38
C MET C 168 -1.90 -12.83 3.55
N ILE C 169 -1.22 -13.75 4.23
CA ILE C 169 -0.25 -14.67 3.59
C ILE C 169 -0.90 -16.08 3.64
N CYS C 170 -0.86 -16.83 2.53
CA CYS C 170 -1.46 -18.18 2.47
C CYS C 170 -0.53 -19.20 1.80
N PHE C 171 -0.32 -20.36 2.42
CA PHE C 171 0.55 -21.41 1.86
C PHE C 171 -0.22 -22.69 1.50
N ARG C 172 0.13 -23.30 0.36
CA ARG C 172 -0.48 -24.55 -0.09
C ARG C 172 -0.14 -25.63 0.95
N ASN C 173 -1.08 -26.50 1.26
CA ASN C 173 -0.85 -27.50 2.30
C ASN C 173 0.13 -28.64 2.11
N ASP C 174 0.53 -28.98 0.88
CA ASP C 174 1.48 -30.06 0.72
C ASP C 174 2.94 -29.64 0.97
N LEU C 175 3.14 -28.36 1.27
CA LEU C 175 4.46 -27.81 1.53
C LEU C 175 4.84 -27.91 3.00
N ASN C 176 3.85 -28.15 3.85
CA ASN C 176 4.04 -28.34 5.29
C ASN C 176 4.72 -27.25 6.09
N ILE C 177 4.76 -26.05 5.54
CA ILE C 177 5.39 -24.89 6.21
C ILE C 177 4.76 -24.68 7.59
N GLN C 178 5.58 -24.61 8.66
CA GLN C 178 5.08 -24.41 10.04
C GLN C 178 5.79 -23.30 10.83
N ASN C 179 6.62 -22.50 10.18
CA ASN C 179 7.34 -21.46 10.89
C ASN C 179 7.30 -20.01 10.33
N PHE C 180 6.21 -19.64 9.66
CA PHE C 180 6.08 -18.28 9.11
C PHE C 180 5.80 -17.30 10.24
N GLN C 181 6.45 -16.15 10.22
CA GLN C 181 6.15 -15.17 11.24
C GLN C 181 6.19 -13.78 10.63
N PHE C 182 5.40 -12.89 11.19
CA PHE C 182 5.36 -11.52 10.74
C PHE C 182 6.57 -10.84 11.32
N PRO C 183 7.21 -9.95 10.55
CA PRO C 183 8.40 -9.23 11.01
C PRO C 183 8.15 -8.55 12.34
N LYS C 184 9.22 -8.31 13.12
CA LYS C 184 9.13 -7.67 14.45
C LYS C 184 9.40 -6.18 14.32
N PRO C 185 8.68 -5.35 15.10
CA PRO C 185 8.76 -3.89 15.15
C PRO C 185 10.04 -3.29 15.71
N PHE C 186 10.29 -2.06 15.30
CA PHE C 186 11.44 -1.33 15.79
C PHE C 186 11.21 0.19 15.86
N GLU C 187 12.15 0.92 16.45
CA GLU C 187 12.05 2.39 16.63
C GLU C 187 12.17 3.25 15.39
N LEU C 188 11.35 4.30 15.36
CA LEU C 188 11.30 5.25 14.25
C LEU C 188 12.40 6.28 14.43
N ASN C 189 13.22 6.47 13.40
CA ASN C 189 14.31 7.44 13.43
C ASN C 189 14.31 8.46 12.28
N THR C 190 13.19 8.53 11.56
CA THR C 190 13.01 9.47 10.45
C THR C 190 11.64 10.10 10.60
N PHE C 191 11.57 11.43 10.55
CA PHE C 191 10.30 12.14 10.70
C PHE C 191 9.94 12.91 9.43
N VAL C 192 8.72 13.45 9.33
CA VAL C 192 8.34 14.17 8.11
C VAL C 192 9.37 15.23 7.67
N LYS C 193 9.90 15.99 8.62
CA LYS C 193 10.88 17.03 8.33
C LYS C 193 12.15 16.57 7.61
N ASP C 194 12.46 15.28 7.64
CA ASP C 194 13.67 14.81 7.00
C ASP C 194 13.46 14.35 5.56
N LEU C 195 12.22 14.46 5.06
CA LEU C 195 11.95 14.01 3.68
C LEU C 195 11.51 15.09 2.71
N LEU C 196 11.33 16.32 3.18
CA LEU C 196 10.84 17.39 2.32
C LEU C 196 11.85 18.01 1.34
N LEU C 197 11.35 18.56 0.24
CA LEU C 197 12.18 19.24 -0.74
C LEU C 197 12.41 20.71 -0.31
N PRO C 198 13.43 21.37 -0.90
CA PRO C 198 13.78 22.76 -0.62
C PRO C 198 12.60 23.66 -0.91
N ASP C 199 12.52 24.76 -0.19
CA ASP C 199 11.44 25.73 -0.31
C ASP C 199 11.28 26.30 -1.73
N SER C 200 12.37 26.36 -2.48
CA SER C 200 12.34 26.89 -3.84
C SER C 200 11.58 26.00 -4.83
N GLU C 201 11.34 24.74 -4.48
CA GLU C 201 10.63 23.84 -5.39
C GLU C 201 9.16 23.59 -5.06
N VAL C 202 8.70 24.08 -3.91
CA VAL C 202 7.32 23.87 -3.46
C VAL C 202 6.53 25.15 -3.15
N GLU C 203 7.02 26.27 -3.68
CA GLU C 203 6.42 27.59 -3.45
C GLU C 203 5.00 27.71 -4.01
N HIS C 204 4.75 27.04 -5.12
CA HIS C 204 3.42 27.07 -5.73
C HIS C 204 2.37 26.30 -4.95
N LEU C 205 2.77 25.60 -3.91
CA LEU C 205 1.83 24.82 -3.11
C LEU C 205 1.48 25.48 -1.79
N VAL C 206 2.02 26.68 -1.59
CA VAL C 206 1.80 27.44 -0.36
C VAL C 206 0.41 28.05 -0.35
N ILE C 207 -0.30 27.95 0.78
CA ILE C 207 -1.66 28.49 0.91
C ILE C 207 -1.92 29.41 2.12
N ASP C 208 -2.19 30.69 1.85
CA ASP C 208 -2.50 31.69 2.89
C ASP C 208 -4.04 31.81 3.00
N ARG C 209 -4.62 31.13 3.99
CA ARG C 209 -6.06 31.20 4.19
C ARG C 209 -6.31 32.10 5.37
N LYS C 210 -7.40 32.84 5.35
CA LYS C 210 -7.67 33.75 6.44
C LYS C 210 -8.45 33.19 7.60
N ASP C 211 -9.03 32.01 7.41
CA ASP C 211 -9.77 31.36 8.49
C ASP C 211 -8.92 30.35 9.28
N LEU C 212 -7.60 30.54 9.21
CA LEU C 212 -6.61 29.70 9.89
C LEU C 212 -6.73 29.95 11.37
N VAL C 213 -7.01 28.88 12.10
CA VAL C 213 -7.18 28.97 13.55
C VAL C 213 -6.17 28.04 14.22
N MET C 214 -5.02 28.56 14.63
CA MET C 214 -4.04 27.73 15.30
C MET C 214 -4.56 27.33 16.69
N THR C 215 -4.65 26.03 16.94
CA THR C 215 -5.15 25.47 18.21
C THR C 215 -4.14 24.67 19.09
N ASN C 216 -2.85 24.72 18.77
CA ASN C 216 -1.79 24.02 19.53
C ASN C 216 -0.45 24.65 19.17
N GLN C 217 0.59 24.46 19.99
CA GLN C 217 1.88 25.10 19.63
C GLN C 217 2.88 24.10 19.03
N GLU C 218 3.77 24.60 18.16
CA GLU C 218 4.76 23.77 17.52
C GLU C 218 5.55 23.06 18.59
N ILE C 219 5.87 21.79 18.37
CA ILE C 219 6.60 21.03 19.38
C ILE C 219 8.11 21.19 19.22
N GLU C 220 8.85 20.85 20.27
CA GLU C 220 10.31 20.99 20.27
C GLU C 220 11.08 19.75 19.87
N GLN C 221 10.58 18.58 20.27
CA GLN C 221 11.25 17.33 19.94
C GLN C 221 10.38 16.38 19.09
N THR C 222 11.05 15.53 18.32
CA THR C 222 10.42 14.57 17.44
C THR C 222 9.60 13.49 18.12
N THR C 223 8.39 13.23 17.64
CA THR C 223 7.53 12.20 18.21
C THR C 223 6.97 11.34 17.12
N PRO C 224 6.84 10.02 17.36
CA PRO C 224 6.29 9.09 16.36
C PRO C 224 4.77 9.06 16.53
N LYS C 225 4.15 10.21 16.31
CA LYS C 225 2.70 10.35 16.39
C LYS C 225 2.27 11.59 15.62
N THR C 226 1.03 11.61 15.16
CA THR C 226 0.51 12.74 14.41
C THR C 226 0.13 13.84 15.41
N VAL C 227 0.76 15.00 15.30
CA VAL C 227 0.50 16.11 16.21
C VAL C 227 -0.25 17.23 15.46
N ARG C 228 -1.53 17.42 15.78
CA ARG C 228 -2.31 18.43 15.09
C ARG C 228 -2.06 19.84 15.62
N LEU C 229 -1.87 20.80 14.71
CA LEU C 229 -1.60 22.20 15.06
C LEU C 229 -2.74 23.23 14.81
N GLY C 230 -3.57 23.01 13.79
CA GLY C 230 -4.63 23.98 13.50
C GLY C 230 -5.73 23.53 12.56
N ILE C 231 -6.60 24.46 12.16
CA ILE C 231 -7.75 24.19 11.28
C ILE C 231 -8.16 25.35 10.32
N VAL C 232 -8.89 25.02 9.24
CA VAL C 232 -9.43 26.01 8.29
C VAL C 232 -10.87 25.54 8.07
N GLY C 233 -11.80 26.46 7.86
CA GLY C 233 -13.18 26.08 7.64
C GLY C 233 -13.84 25.45 8.88
N LYS C 234 -14.35 24.23 8.73
CA LYS C 234 -14.99 23.50 9.83
C LYS C 234 -14.10 22.37 10.35
N GLY C 235 -12.93 22.19 9.74
CA GLY C 235 -12.00 21.16 10.18
C GLY C 235 -12.27 19.71 9.84
N GLY C 236 -12.86 19.45 8.68
CA GLY C 236 -13.14 18.10 8.23
C GLY C 236 -11.95 17.57 7.43
N GLN C 237 -12.10 16.42 6.79
CA GLN C 237 -11.01 15.87 6.02
C GLN C 237 -10.53 16.87 4.99
N GLY C 238 -9.22 17.19 5.01
CA GLY C 238 -8.69 18.11 4.01
C GLY C 238 -8.51 19.53 4.50
N GLU C 239 -8.84 19.75 5.76
CA GLU C 239 -8.78 21.05 6.39
C GLU C 239 -7.99 21.01 7.70
N ARG C 240 -7.33 19.89 7.96
CA ARG C 240 -6.56 19.73 9.19
C ARG C 240 -5.07 19.96 8.88
N ILE C 241 -4.38 20.72 9.74
CA ILE C 241 -2.96 21.07 9.58
C ILE C 241 -2.09 20.43 10.66
N TYR C 242 -1.05 19.71 10.25
CA TYR C 242 -0.18 18.96 11.15
C TYR C 242 1.28 19.44 11.24
N SER C 243 1.97 19.04 12.32
CA SER C 243 3.37 19.40 12.56
C SER C 243 4.34 18.51 11.78
N THR C 244 5.46 19.07 11.32
CA THR C 244 6.47 18.26 10.61
C THR C 244 7.48 17.61 11.56
N ARG C 245 7.25 17.72 12.87
CA ARG C 245 8.15 17.12 13.86
C ARG C 245 7.59 15.76 14.32
N GLY C 246 6.54 15.33 13.63
CA GLY C 246 5.89 14.06 13.91
C GLY C 246 5.81 13.21 12.64
N ILE C 247 4.67 12.56 12.43
CA ILE C 247 4.50 11.72 11.25
C ILE C 247 3.29 12.17 10.45
N ALA C 248 3.25 11.77 9.18
CA ALA C 248 2.17 12.09 8.26
C ALA C 248 0.95 11.21 8.41
N ILE C 249 -0.20 11.76 8.04
CA ILE C 249 -1.48 11.03 8.05
C ILE C 249 -1.58 10.20 6.75
N THR C 250 -2.56 9.33 6.68
CA THR C 250 -2.76 8.49 5.52
C THR C 250 -3.14 9.27 4.27
N LEU C 251 -2.43 9.02 3.18
CA LEU C 251 -2.68 9.64 1.87
C LEU C 251 -3.90 8.93 1.35
N SER C 252 -4.73 9.60 0.57
CA SER C 252 -5.91 8.93 0.01
C SER C 252 -5.99 9.21 -1.48
N ALA C 253 -6.82 8.44 -2.18
CA ALA C 253 -7.01 8.57 -3.63
C ALA C 253 -8.17 9.43 -4.09
N TYR C 254 -9.23 9.51 -3.29
CA TYR C 254 -10.39 10.30 -3.70
C TYR C 254 -10.75 11.42 -2.72
N GLY C 255 -9.81 11.75 -1.84
CA GLY C 255 -10.06 12.77 -0.83
C GLY C 255 -10.30 14.19 -1.29
N GLY C 256 -10.84 15.04 -0.41
CA GLY C 256 -11.11 16.43 -0.78
C GLY C 256 -10.70 17.45 0.27
N GLY C 257 -11.01 18.72 0.05
CA GLY C 257 -10.65 19.74 1.00
C GLY C 257 -9.68 20.70 0.37
N ILE C 258 -9.27 21.72 1.10
CA ILE C 258 -8.34 22.67 0.54
C ILE C 258 -6.94 22.05 0.37
N PHE C 259 -6.57 21.15 1.27
CA PHE C 259 -5.27 20.46 1.21
C PHE C 259 -5.47 18.98 0.78
N ALA C 260 -6.33 18.80 -0.22
CA ALA C 260 -6.69 17.49 -0.73
C ALA C 260 -5.60 16.41 -0.83
N LYS C 261 -5.97 15.20 -0.40
CA LYS C 261 -5.15 14.01 -0.47
C LYS C 261 -3.89 13.82 0.36
N THR C 262 -3.12 14.87 0.58
CA THR C 262 -1.88 14.74 1.35
C THR C 262 -1.99 15.20 2.82
N GLY C 263 -2.75 16.27 3.04
CA GLY C 263 -2.91 16.87 4.35
C GLY C 263 -2.13 18.18 4.31
N GLY C 264 -2.30 19.07 5.28
CA GLY C 264 -1.53 20.31 5.28
C GLY C 264 -0.47 20.24 6.37
N TYR C 265 0.69 20.86 6.16
CA TYR C 265 1.78 20.85 7.14
C TYR C 265 2.36 22.24 7.36
N LEU C 266 2.73 22.57 8.60
CA LEU C 266 3.32 23.90 8.87
C LEU C 266 4.84 23.84 8.59
N VAL C 267 5.25 24.37 7.43
CA VAL C 267 6.66 24.39 7.01
C VAL C 267 7.28 25.82 6.96
N ASN C 268 8.41 26.02 7.65
CA ASN C 268 9.11 27.31 7.68
C ASN C 268 8.23 28.56 7.73
N GLY C 269 7.18 28.53 8.54
CA GLY C 269 6.31 29.67 8.67
C GLY C 269 5.01 29.67 7.89
N LYS C 270 4.89 28.83 6.85
CA LYS C 270 3.66 28.76 6.05
C LYS C 270 3.07 27.36 5.87
N THR C 271 1.75 27.29 5.76
CA THR C 271 1.03 26.04 5.57
C THR C 271 0.92 25.65 4.09
N ARG C 272 1.23 24.40 3.73
CA ARG C 272 1.14 23.95 2.34
C ARG C 272 0.90 22.46 2.26
N LYS C 273 0.62 21.95 1.07
CA LYS C 273 0.41 20.52 0.95
C LYS C 273 1.67 19.85 0.43
N LEU C 274 1.65 18.54 0.26
CA LEU C 274 2.83 17.81 -0.18
C LEU C 274 2.96 17.71 -1.70
N HIS C 275 4.22 17.65 -2.16
CA HIS C 275 4.55 17.55 -3.58
C HIS C 275 4.52 16.07 -3.93
N PRO C 276 4.32 15.75 -5.21
CA PRO C 276 4.30 14.32 -5.57
C PRO C 276 5.54 13.53 -5.08
N ARG C 277 6.73 14.12 -5.28
CA ARG C 277 7.99 13.49 -4.89
C ARG C 277 8.05 13.21 -3.41
N GLU C 278 7.46 14.11 -2.62
CA GLU C 278 7.42 13.94 -1.16
C GLU C 278 6.43 12.81 -0.84
N CYS C 279 5.39 12.65 -1.65
CA CYS C 279 4.39 11.59 -1.46
C CYS C 279 5.12 10.26 -1.70
N ALA C 280 5.98 10.23 -2.71
CA ALA C 280 6.77 9.04 -3.05
C ALA C 280 7.57 8.60 -1.86
N ARG C 281 8.28 9.55 -1.28
CA ARG C 281 9.10 9.24 -0.13
C ARG C 281 8.36 8.66 1.07
N VAL C 282 7.21 9.22 1.45
CA VAL C 282 6.44 8.69 2.60
C VAL C 282 5.82 7.34 2.32
N MET C 283 5.95 6.86 1.07
CA MET C 283 5.43 5.53 0.71
C MET C 283 6.63 4.59 0.50
N GLY C 284 7.84 5.13 0.59
CA GLY C 284 9.01 4.29 0.45
C GLY C 284 9.54 4.11 -0.95
N TYR C 285 9.13 4.97 -1.88
CA TYR C 285 9.59 4.86 -3.25
C TYR C 285 10.95 5.56 -3.48
N PRO C 286 11.86 4.92 -4.25
CA PRO C 286 13.18 5.52 -4.54
C PRO C 286 13.04 6.77 -5.40
N ASP C 287 13.97 7.71 -5.28
CA ASP C 287 13.91 8.95 -6.05
C ASP C 287 13.96 8.73 -7.58
N SER C 288 14.34 7.54 -7.99
CA SER C 288 14.41 7.24 -9.40
C SER C 288 13.11 6.72 -10.01
N TYR C 289 12.06 6.51 -9.22
CA TYR C 289 10.81 6.07 -9.84
C TYR C 289 10.31 7.34 -10.53
N LYS C 290 9.96 7.22 -11.80
CA LYS C 290 9.47 8.36 -12.57
C LYS C 290 7.97 8.56 -12.35
N VAL C 291 7.55 9.72 -11.85
CA VAL C 291 6.11 9.94 -11.64
C VAL C 291 5.34 10.39 -12.89
N HIS C 292 4.02 10.22 -12.88
CA HIS C 292 3.18 10.60 -14.02
C HIS C 292 3.18 12.11 -14.18
N PRO C 293 3.23 12.61 -15.43
CA PRO C 293 3.25 14.06 -15.66
C PRO C 293 2.06 14.87 -15.17
N SER C 294 0.91 14.21 -15.00
CA SER C 294 -0.26 14.90 -14.47
C SER C 294 -0.26 14.81 -12.96
N THR C 295 -0.13 15.97 -12.34
CA THR C 295 -0.11 16.07 -10.90
C THR C 295 -1.35 15.40 -10.32
N SER C 296 -2.51 15.67 -10.90
CA SER C 296 -3.76 15.10 -10.42
C SER C 296 -3.80 13.56 -10.40
N GLN C 297 -3.31 12.96 -11.49
CA GLN C 297 -3.29 11.52 -11.59
C GLN C 297 -2.25 10.89 -10.65
N ALA C 298 -1.15 11.59 -10.41
CA ALA C 298 -0.12 11.11 -9.50
C ALA C 298 -0.60 11.03 -8.03
N TYR C 299 -1.29 12.06 -7.52
CA TYR C 299 -1.78 12.03 -6.15
C TYR C 299 -2.72 10.85 -5.91
N LYS C 300 -3.59 10.61 -6.88
CA LYS C 300 -4.54 9.52 -6.82
C LYS C 300 -3.77 8.19 -6.75
N GLN C 301 -2.79 8.03 -7.63
CA GLN C 301 -1.96 6.85 -7.70
C GLN C 301 -1.23 6.55 -6.39
N PHE C 302 -0.66 7.55 -5.71
CA PHE C 302 -0.01 7.23 -4.46
C PHE C 302 -0.98 6.96 -3.35
N GLY C 303 -2.21 7.44 -3.51
CA GLY C 303 -3.25 7.22 -2.54
C GLY C 303 -3.72 5.78 -2.45
N ASN C 304 -3.81 5.09 -3.58
CA ASN C 304 -4.24 3.67 -3.67
C ASN C 304 -3.07 2.67 -3.42
N SER C 305 -1.84 3.14 -3.38
CA SER C 305 -0.69 2.24 -3.30
C SER C 305 -0.26 1.74 -1.95
N VAL C 306 0.75 0.85 -1.96
CA VAL C 306 1.27 0.25 -0.74
C VAL C 306 2.66 0.81 -0.43
N VAL C 307 3.03 0.78 0.86
CA VAL C 307 4.33 1.23 1.36
C VAL C 307 5.35 0.14 1.07
N ILE C 308 6.26 0.37 0.13
CA ILE C 308 7.25 -0.63 -0.25
C ILE C 308 7.99 -1.32 0.91
N ASN C 309 8.55 -0.54 1.80
CA ASN C 309 9.35 -1.07 2.90
C ASN C 309 8.73 -2.22 3.68
N VAL C 310 7.44 -2.10 4.00
CA VAL C 310 6.69 -3.13 4.75
C VAL C 310 6.55 -4.43 3.94
N LEU C 311 6.38 -4.29 2.63
CA LEU C 311 6.24 -5.44 1.76
C LEU C 311 7.59 -6.15 1.69
N GLN C 312 8.68 -5.38 1.70
CA GLN C 312 10.02 -5.95 1.66
C GLN C 312 10.26 -6.80 2.91
N TYR C 313 9.90 -6.30 4.08
CA TYR C 313 10.14 -7.10 5.30
C TYR C 313 9.40 -8.45 5.27
N ILE C 314 8.15 -8.43 4.77
CA ILE C 314 7.32 -9.65 4.71
C ILE C 314 7.79 -10.67 3.67
N ALA C 315 8.26 -10.20 2.53
CA ALA C 315 8.69 -11.11 1.49
C ALA C 315 9.94 -11.96 1.83
N TYR C 316 10.84 -11.41 2.64
CA TYR C 316 12.05 -12.09 3.09
C TYR C 316 11.67 -13.29 3.97
N ASN C 317 10.69 -13.09 4.84
CA ASN C 317 10.20 -14.15 5.73
C ASN C 317 9.51 -15.26 4.95
N ILE C 318 8.73 -14.92 3.93
CA ILE C 318 8.07 -15.94 3.10
C ILE C 318 9.18 -16.81 2.54
N GLY C 319 10.24 -16.17 2.04
CA GLY C 319 11.40 -16.87 1.51
C GLY C 319 12.13 -17.72 2.55
N SER C 320 12.44 -17.19 3.73
CA SER C 320 13.13 -17.97 4.76
C SER C 320 12.45 -19.30 5.08
N SER C 321 11.12 -19.30 5.18
CA SER C 321 10.35 -20.51 5.48
C SER C 321 10.26 -21.49 4.32
N LEU C 322 10.29 -20.97 3.08
CA LEU C 322 10.22 -21.86 1.93
C LEU C 322 11.58 -22.56 1.74
N ASN C 323 12.65 -21.91 2.16
CA ASN C 323 14.00 -22.48 2.01
C ASN C 323 14.46 -23.39 3.15
N PHE C 324 13.61 -23.67 4.13
CA PHE C 324 13.99 -24.55 5.25
C PHE C 324 13.49 -25.97 4.99
N LYS C 325 14.36 -26.79 4.38
CA LYS C 325 14.03 -28.18 4.06
C LYS C 325 15.10 -29.16 4.58
N PRO C 326 15.16 -29.39 5.90
CA PRO C 326 16.16 -30.32 6.46
C PRO C 326 15.82 -31.79 6.18
N TYR C 327 16.74 -32.72 6.50
CA TYR C 327 16.49 -34.16 6.31
C TYR C 327 15.86 -34.79 7.54
N SAH D . -1.26 -2.22 -4.88
CA SAH D . -1.26 -1.33 -6.01
CB SAH D . -2.50 -0.42 -5.96
CG SAH D . -3.77 -1.08 -6.49
SD SAH D . -5.33 -0.45 -5.81
C SAH D . -0.01 -0.49 -5.94
O SAH D . 1.14 -0.94 -5.52
OXT SAH D . 0.00 0.46 -6.79
C5' SAH D . -6.48 -1.38 -6.86
C4' SAH D . -6.48 -1.21 -8.45
O4' SAH D . -7.53 -1.97 -9.04
C3' SAH D . -6.84 0.20 -9.03
O3' SAH D . -5.70 0.74 -9.62
C2' SAH D . -7.92 -0.07 -10.09
O2' SAH D . -7.62 0.81 -11.15
C1' SAH D . -7.61 -1.51 -10.38
N9 SAH D . -8.68 -2.34 -10.90
C8 SAH D . -9.94 -2.35 -10.35
N7 SAH D . -10.75 -3.20 -10.97
C5 SAH D . -9.97 -3.75 -11.98
C6 SAH D . -10.28 -4.69 -12.93
N6 SAH D . -11.52 -5.08 -13.04
N1 SAH D . -9.36 -5.11 -13.81
C2 SAH D . -8.14 -4.57 -13.71
N3 SAH D . -7.72 -3.64 -12.85
C4 SAH D . -8.70 -3.26 -11.96
#